data_9IQ8
#
_entry.id   9IQ8
#
_cell.length_a   90.080
_cell.length_b   90.220
_cell.length_c   78.990
_cell.angle_alpha   90.00
_cell.angle_beta   116.38
_cell.angle_gamma   90.00
#
_symmetry.space_group_name_H-M   'C 1 2 1'
#
loop_
_entity.id
_entity.type
_entity.pdbx_description
1 polymer 'Ankyrin-like protein AnkB'
2 water water
#
_entity_poly.entity_id   1
_entity_poly.type   'polypeptide(L)'
_entity_poly.pdbx_seq_one_letter_code
;MIYFRSVFLATCLLCSGIGASVYAAMPSSQDNGSAEVIELFFSAAKVGNIEVLQEFLSHGFPIDVQDHSGYTALMMASYY
GQKDAVKVLLEQGANRCLRDKRGHTALMGAIVKAEWGIAKQLRQVDCDANAAKTGLLTAEQFAIQFGQQQRLKDIQPSTE
K
;
_entity_poly.pdbx_strand_id   A,B,C,D
#
# COMPACT_ATOMS: atom_id res chain seq x y z
N ASN A 32 30.88 24.91 -10.83
CA ASN A 32 30.54 25.29 -12.21
C ASN A 32 31.14 24.30 -13.21
N GLY A 33 30.26 23.56 -13.87
CA GLY A 33 30.67 22.68 -14.95
C GLY A 33 30.33 23.29 -16.30
N SER A 34 31.19 23.06 -17.28
CA SER A 34 31.06 23.69 -18.59
C SER A 34 29.85 23.12 -19.35
N ALA A 35 29.50 23.81 -20.45
CA ALA A 35 28.35 23.38 -21.25
C ALA A 35 28.50 21.94 -21.73
N GLU A 36 29.75 21.46 -21.87
CA GLU A 36 30.02 20.22 -22.60
C GLU A 36 29.88 18.98 -21.73
N VAL A 37 30.33 19.00 -20.46
CA VAL A 37 30.10 17.81 -19.65
C VAL A 37 28.63 17.72 -19.26
N ILE A 38 27.96 18.86 -19.16
CA ILE A 38 26.51 18.84 -18.96
C ILE A 38 25.86 17.95 -20.01
N GLU A 39 26.29 18.04 -21.26
CA GLU A 39 25.63 17.20 -22.26
C GLU A 39 26.12 15.76 -22.17
N LEU A 40 27.41 15.56 -21.84
CA LEU A 40 27.87 14.22 -21.46
C LEU A 40 26.99 13.63 -20.37
N PHE A 41 26.79 14.40 -19.30
CA PHE A 41 25.88 13.97 -18.25
C PHE A 41 24.49 13.74 -18.81
N PHE A 42 23.99 14.72 -19.57
CA PHE A 42 22.62 14.63 -20.07
C PHE A 42 22.48 13.54 -21.13
N SER A 43 23.53 13.31 -21.93
CA SER A 43 23.48 12.22 -22.92
C SER A 43 23.27 10.89 -22.23
N ALA A 44 24.05 10.64 -21.16
CA ALA A 44 23.91 9.37 -20.45
C ALA A 44 22.50 9.19 -19.89
N ALA A 45 21.87 10.28 -19.47
CA ALA A 45 20.50 10.17 -18.98
C ALA A 45 19.52 9.94 -20.12
N LYS A 46 19.67 10.70 -21.22
CA LYS A 46 18.85 10.50 -22.42
C LYS A 46 18.89 9.05 -22.94
N VAL A 47 20.03 8.35 -22.83
CA VAL A 47 20.17 6.99 -23.33
C VAL A 47 19.96 5.93 -22.25
N GLY A 48 19.75 6.34 -21.01
CA GLY A 48 19.60 5.38 -19.93
C GLY A 48 20.91 4.80 -19.46
N ASN A 49 22.02 5.46 -19.79
CA ASN A 49 23.32 4.97 -19.40
C ASN A 49 23.48 5.17 -17.89
N ILE A 50 22.78 4.33 -17.13
CA ILE A 50 22.71 4.44 -15.69
C ILE A 50 24.10 4.34 -15.04
N GLU A 51 25.00 3.56 -15.65
CA GLU A 51 26.34 3.34 -15.10
C GLU A 51 27.19 4.62 -15.16
N VAL A 52 27.11 5.35 -16.27
CA VAL A 52 27.74 6.67 -16.35
C VAL A 52 27.09 7.67 -15.41
N LEU A 53 25.79 7.55 -15.19
CA LEU A 53 25.16 8.52 -14.32
C LEU A 53 25.78 8.42 -12.93
N GLN A 54 25.74 7.21 -12.36
CA GLN A 54 26.25 7.01 -11.00
C GLN A 54 27.74 7.31 -10.93
N GLU A 55 28.47 7.01 -12.01
CA GLU A 55 29.89 7.34 -12.08
C GLU A 55 30.11 8.83 -11.95
N PHE A 56 29.39 9.62 -12.76
CA PHE A 56 29.42 11.07 -12.62
C PHE A 56 29.11 11.47 -11.18
N LEU A 57 27.99 10.98 -10.64
CA LEU A 57 27.60 11.41 -9.31
C LEU A 57 28.64 11.01 -8.30
N SER A 58 29.08 9.75 -8.36
CA SER A 58 29.96 9.24 -7.32
C SER A 58 31.27 10.03 -7.25
N HIS A 59 31.62 10.77 -8.30
CA HIS A 59 32.73 11.71 -8.20
C HIS A 59 32.25 13.15 -8.04
N GLY A 60 31.03 13.34 -7.53
CA GLY A 60 30.60 14.65 -7.09
C GLY A 60 30.07 15.56 -8.16
N PHE A 61 29.52 15.02 -9.24
CA PHE A 61 28.97 15.89 -10.28
C PHE A 61 27.59 16.38 -9.86
N PRO A 62 27.30 17.68 -10.00
CA PRO A 62 26.05 18.24 -9.43
C PRO A 62 24.81 17.77 -10.19
N ILE A 63 23.96 17.01 -9.50
CA ILE A 63 22.88 16.28 -10.16
C ILE A 63 21.79 17.22 -10.66
N ASP A 64 21.61 18.37 -9.99
CA ASP A 64 20.61 19.35 -10.39
C ASP A 64 21.15 20.42 -11.35
N VAL A 65 22.34 20.24 -11.92
CA VAL A 65 22.91 21.21 -12.84
C VAL A 65 21.93 21.45 -13.99
N GLN A 66 21.91 22.68 -14.49
CA GLN A 66 20.99 23.10 -15.54
C GLN A 66 21.77 23.74 -16.70
N ASP A 67 21.51 23.25 -17.91
CA ASP A 67 22.12 23.82 -19.10
C ASP A 67 21.50 25.17 -19.45
N HIS A 68 21.90 25.62 -20.65
CA HIS A 68 21.50 26.85 -21.32
C HIS A 68 19.99 27.06 -21.36
N SER A 69 19.22 25.98 -21.52
CA SER A 69 17.78 26.00 -21.59
C SER A 69 17.12 25.72 -20.23
N GLY A 70 17.90 25.67 -19.14
CA GLY A 70 17.39 25.28 -17.83
C GLY A 70 17.09 23.81 -17.63
N TYR A 71 17.45 22.96 -18.57
CA TYR A 71 17.17 21.53 -18.44
C TYR A 71 18.03 20.91 -17.34
N THR A 72 17.49 19.89 -16.66
CA THR A 72 18.21 19.03 -15.71
C THR A 72 18.31 17.63 -16.28
N ALA A 73 19.26 16.85 -15.76
CA ALA A 73 19.37 15.45 -16.18
C ALA A 73 18.05 14.71 -16.01
N LEU A 74 17.35 14.96 -14.91
CA LEU A 74 16.09 14.26 -14.62
C LEU A 74 15.03 14.60 -15.66
N MET A 75 14.91 15.88 -16.01
CA MET A 75 14.08 16.28 -17.15
C MET A 75 14.40 15.46 -18.40
N MET A 76 15.68 15.43 -18.79
CA MET A 76 16.09 14.64 -19.96
C MET A 76 15.58 13.21 -19.89
N ALA A 77 15.81 12.56 -18.73
CA ALA A 77 15.46 11.16 -18.61
C ALA A 77 13.96 10.93 -18.71
N SER A 78 13.19 11.90 -18.23
CA SER A 78 11.74 11.76 -18.28
C SER A 78 11.24 11.97 -19.70
N TYR A 79 11.82 12.95 -20.38
CA TYR A 79 11.44 13.23 -21.76
C TYR A 79 11.57 11.97 -22.60
N TYR A 80 12.68 11.24 -22.43
CA TYR A 80 13.03 10.10 -23.27
C TYR A 80 12.49 8.79 -22.75
N GLY A 81 11.64 8.84 -21.72
CA GLY A 81 11.00 7.64 -21.24
C GLY A 81 11.92 6.64 -20.57
N GLN A 82 13.12 7.05 -20.13
CA GLN A 82 14.06 6.12 -19.48
C GLN A 82 13.72 5.97 -18.01
N LYS A 83 12.75 5.09 -17.69
CA LYS A 83 12.39 4.89 -16.27
C LYS A 83 13.60 4.74 -15.39
N ASP A 84 14.48 3.76 -15.70
CA ASP A 84 15.44 3.41 -14.66
C ASP A 84 16.36 4.58 -14.34
N ALA A 85 16.58 5.50 -15.28
CA ALA A 85 17.38 6.66 -14.95
C ALA A 85 16.61 7.67 -14.12
N VAL A 86 15.27 7.61 -14.13
CA VAL A 86 14.48 8.45 -13.25
C VAL A 86 14.60 7.92 -11.82
N LYS A 87 14.38 6.61 -11.64
CA LYS A 87 14.51 5.97 -10.33
C LYS A 87 15.86 6.29 -9.66
N VAL A 88 16.96 6.02 -10.35
CA VAL A 88 18.27 6.28 -9.75
C VAL A 88 18.50 7.77 -9.53
N LEU A 89 18.11 8.60 -10.50
CA LEU A 89 18.36 10.02 -10.36
C LEU A 89 17.69 10.57 -9.11
N LEU A 90 16.44 10.17 -8.87
CA LEU A 90 15.73 10.61 -7.68
C LEU A 90 16.35 10.00 -6.43
N GLU A 91 16.66 8.70 -6.48
CA GLU A 91 17.27 8.05 -5.33
C GLU A 91 18.55 8.78 -4.89
N GLN A 92 19.34 9.23 -5.84
CA GLN A 92 20.50 10.09 -5.59
C GLN A 92 20.13 11.56 -5.33
N GLY A 93 18.85 11.89 -5.17
CA GLY A 93 18.48 13.17 -4.60
C GLY A 93 18.21 14.30 -5.58
N ALA A 94 17.77 13.99 -6.80
CA ALA A 94 17.52 15.02 -7.80
C ALA A 94 16.29 15.80 -7.41
N ASN A 95 16.38 17.12 -7.49
CA ASN A 95 15.25 17.97 -7.14
C ASN A 95 14.28 18.06 -8.33
N ARG A 96 13.17 17.34 -8.23
CA ARG A 96 12.21 17.19 -9.33
C ARG A 96 11.32 18.41 -9.55
N CYS A 97 11.54 19.49 -8.82
CA CYS A 97 10.69 20.67 -8.87
C CYS A 97 11.41 21.86 -9.49
N LEU A 98 12.68 21.68 -9.89
CA LEU A 98 13.34 22.66 -10.74
C LEU A 98 12.54 22.87 -12.03
N ARG A 99 12.81 24.00 -12.67
CA ARG A 99 12.06 24.41 -13.85
C ARG A 99 12.99 24.94 -14.92
N ASP A 100 12.77 24.48 -16.15
CA ASP A 100 13.50 24.94 -17.33
C ASP A 100 13.10 26.39 -17.58
N LYS A 101 13.61 26.98 -18.65
CA LYS A 101 13.44 28.43 -18.77
C LYS A 101 12.06 28.82 -19.31
N ARG A 102 11.30 27.85 -19.78
CA ARG A 102 9.88 28.04 -20.06
C ARG A 102 8.97 27.79 -18.85
N GLY A 103 9.52 27.43 -17.67
CA GLY A 103 8.76 27.14 -16.45
C GLY A 103 8.31 25.70 -16.27
N HIS A 104 8.84 24.78 -17.07
CA HIS A 104 8.44 23.38 -17.14
C HIS A 104 9.23 22.50 -16.16
N THR A 105 8.57 21.48 -15.61
CA THR A 105 9.20 20.50 -14.73
C THR A 105 9.30 19.13 -15.41
N ALA A 106 10.18 18.27 -14.85
CA ALA A 106 10.25 16.89 -15.30
C ALA A 106 8.86 16.26 -15.35
N LEU A 107 8.03 16.53 -14.33
CA LEU A 107 6.67 16.01 -14.37
C LEU A 107 5.93 16.46 -15.64
N MET A 108 6.13 17.71 -16.04
CA MET A 108 5.38 18.19 -17.19
C MET A 108 5.88 17.51 -18.46
N GLY A 109 7.19 17.37 -18.60
CA GLY A 109 7.72 16.62 -19.73
C GLY A 109 7.15 15.21 -19.84
N ALA A 110 7.03 14.52 -18.72
CA ALA A 110 6.44 13.19 -18.79
C ALA A 110 5.02 13.26 -19.34
N ILE A 111 4.24 14.22 -18.86
CA ILE A 111 2.86 14.41 -19.33
C ILE A 111 2.84 14.56 -20.84
N VAL A 112 3.73 15.38 -21.37
CA VAL A 112 3.61 15.77 -22.76
C VAL A 112 4.18 14.72 -23.69
N LYS A 113 4.96 13.77 -23.15
CA LYS A 113 5.42 12.60 -23.90
C LYS A 113 4.61 11.36 -23.54
N ALA A 114 3.48 11.52 -22.86
CA ALA A 114 2.63 10.43 -22.44
C ALA A 114 3.37 9.40 -21.56
N GLU A 115 4.48 9.77 -20.92
CA GLU A 115 5.24 8.84 -20.08
C GLU A 115 4.62 8.81 -18.67
N TRP A 116 3.51 8.07 -18.55
CA TRP A 116 2.68 8.12 -17.37
C TRP A 116 3.15 7.23 -16.24
N GLY A 117 4.01 6.25 -16.52
CA GLY A 117 4.70 5.58 -15.42
C GLY A 117 5.66 6.51 -14.72
N ILE A 118 6.55 7.16 -15.48
CA ILE A 118 7.42 8.15 -14.86
C ILE A 118 6.59 9.27 -14.25
N ALA A 119 5.48 9.63 -14.90
CA ALA A 119 4.64 10.68 -14.34
C ALA A 119 4.16 10.31 -12.94
N LYS A 120 3.70 9.06 -12.76
CA LYS A 120 3.25 8.61 -11.44
C LYS A 120 4.36 8.73 -10.40
N GLN A 121 5.59 8.35 -10.75
CA GLN A 121 6.66 8.44 -9.78
C GLN A 121 6.94 9.89 -9.41
N LEU A 122 7.04 10.76 -10.41
CA LEU A 122 7.41 12.15 -10.13
C LEU A 122 6.31 12.91 -9.37
N ARG A 123 5.04 12.48 -9.49
CA ARG A 123 3.93 13.22 -8.89
C ARG A 123 3.69 12.83 -7.44
N GLN A 124 4.42 11.85 -6.95
CA GLN A 124 4.37 11.53 -5.52
C GLN A 124 4.87 12.69 -4.66
N VAL A 125 5.58 13.66 -5.24
CA VAL A 125 6.06 14.83 -4.53
C VAL A 125 5.47 16.05 -5.22
N ASP A 126 4.60 16.79 -4.53
CA ASP A 126 3.75 17.82 -5.13
C ASP A 126 4.53 19.13 -5.28
N CYS A 127 4.97 19.43 -6.51
CA CYS A 127 5.71 20.65 -6.80
C CYS A 127 4.86 21.93 -6.75
N ASP A 128 3.54 21.82 -6.66
CA ASP A 128 2.66 22.99 -6.62
C ASP A 128 1.96 23.20 -5.28
N ALA A 129 2.52 22.67 -4.17
CA ALA A 129 1.88 22.82 -2.87
C ALA A 129 1.75 24.31 -2.49
N ASN A 130 2.78 25.11 -2.77
CA ASN A 130 2.86 26.52 -2.41
C ASN A 130 2.59 27.43 -3.64
N ALA A 131 1.78 26.97 -4.59
CA ALA A 131 1.62 27.69 -5.86
C ALA A 131 1.01 29.07 -5.64
N ALA A 132 -0.14 29.13 -4.97
CA ALA A 132 -0.86 30.36 -4.59
C ALA A 132 0.08 31.50 -4.20
N LYS A 133 1.17 31.14 -3.56
CA LYS A 133 2.16 32.08 -3.07
C LYS A 133 3.17 32.41 -4.17
N THR A 134 3.60 31.40 -4.88
CA THR A 134 4.64 31.59 -5.88
C THR A 134 4.07 32.04 -7.22
N GLY A 135 2.82 31.69 -7.53
CA GLY A 135 2.26 32.01 -8.82
C GLY A 135 2.87 31.22 -9.94
N LEU A 136 3.57 30.14 -9.63
CA LEU A 136 4.34 29.40 -10.62
C LEU A 136 3.45 28.42 -11.36
N LEU A 137 3.76 28.23 -12.64
CA LEU A 137 2.98 27.39 -13.51
C LEU A 137 2.85 25.98 -12.92
N THR A 138 1.62 25.49 -12.84
CA THR A 138 1.33 24.23 -12.17
C THR A 138 1.10 23.12 -13.18
N ALA A 139 1.34 21.90 -12.70
CA ALA A 139 1.26 20.75 -13.58
C ALA A 139 -0.18 20.40 -13.97
N GLU A 140 -1.18 20.85 -13.20
CA GLU A 140 -2.56 20.72 -13.67
C GLU A 140 -2.86 21.72 -14.78
N GLN A 141 -2.34 22.94 -14.65
CA GLN A 141 -2.56 23.92 -15.71
C GLN A 141 -1.91 23.46 -16.99
N PHE A 142 -0.63 23.06 -16.92
CA PHE A 142 0.05 22.50 -18.08
C PHE A 142 -0.75 21.34 -18.67
N ALA A 143 -1.34 20.49 -17.82
CA ALA A 143 -2.09 19.35 -18.32
C ALA A 143 -3.33 19.78 -19.06
N ILE A 144 -3.98 20.85 -18.59
CA ILE A 144 -5.14 21.42 -19.27
C ILE A 144 -4.76 21.86 -20.69
N GLN A 145 -3.60 22.51 -20.83
CA GLN A 145 -3.17 23.01 -22.11
C GLN A 145 -3.03 21.89 -23.14
N PHE A 146 -2.94 20.64 -22.68
CA PHE A 146 -2.70 19.51 -23.56
C PHE A 146 -3.79 18.43 -23.46
N GLY A 147 -4.82 18.63 -22.65
CA GLY A 147 -5.89 17.65 -22.60
C GLY A 147 -5.63 16.45 -21.73
N GLN A 148 -4.54 16.44 -20.96
CA GLN A 148 -4.17 15.28 -20.15
C GLN A 148 -4.52 15.47 -18.68
N GLN A 149 -5.51 16.30 -18.39
CA GLN A 149 -5.80 16.72 -17.04
C GLN A 149 -6.39 15.58 -16.22
N GLN A 150 -7.29 14.81 -16.85
CA GLN A 150 -7.87 13.68 -16.15
C GLN A 150 -6.82 12.66 -15.79
N ARG A 151 -5.88 12.40 -16.69
CA ARG A 151 -4.86 11.43 -16.36
C ARG A 151 -3.99 11.93 -15.22
N LEU A 152 -3.55 13.19 -15.26
CA LEU A 152 -2.73 13.65 -14.16
C LEU A 152 -3.49 13.52 -12.84
N LYS A 153 -4.77 13.86 -12.87
CA LYS A 153 -5.60 13.63 -11.69
C LYS A 153 -5.55 12.20 -11.23
N ASP A 154 -5.62 11.25 -12.17
CA ASP A 154 -5.75 9.85 -11.81
C ASP A 154 -4.52 9.35 -11.09
N ILE A 155 -3.35 9.91 -11.40
CA ILE A 155 -2.08 9.47 -10.81
C ILE A 155 -1.69 10.33 -9.63
N GLN A 156 -2.56 11.28 -9.26
CA GLN A 156 -2.32 12.12 -8.11
C GLN A 156 -2.46 11.32 -6.81
N PRO A 157 -1.66 11.63 -5.80
CA PRO A 157 -1.64 10.80 -4.59
C PRO A 157 -2.93 10.90 -3.79
N SER A 158 -3.11 9.93 -2.91
CA SER A 158 -4.28 9.88 -2.04
C SER A 158 -4.02 10.52 -0.69
N ASN B 32 10.72 -7.21 -15.15
CA ASN B 32 9.86 -6.15 -14.65
C ASN B 32 9.19 -5.41 -15.78
N GLY B 33 7.87 -5.58 -15.88
CA GLY B 33 7.06 -4.83 -16.82
C GLY B 33 6.32 -3.71 -16.13
N SER B 34 6.17 -2.59 -16.82
CA SER B 34 5.58 -1.39 -16.23
C SER B 34 4.09 -1.57 -15.98
N ALA B 35 3.51 -0.63 -15.22
CA ALA B 35 2.09 -0.71 -14.89
C ALA B 35 1.22 -0.76 -16.15
N GLU B 36 1.72 -0.21 -17.26
CA GLU B 36 0.86 0.06 -18.42
C GLU B 36 0.71 -1.14 -19.36
N VAL B 37 1.78 -1.90 -19.59
CA VAL B 37 1.57 -3.09 -20.43
C VAL B 37 0.82 -4.15 -19.64
N ILE B 38 0.98 -4.17 -18.32
CA ILE B 38 0.16 -5.04 -17.49
C ILE B 38 -1.31 -4.85 -17.83
N GLU B 39 -1.75 -3.61 -18.00
CA GLU B 39 -3.17 -3.43 -18.30
C GLU B 39 -3.48 -3.77 -19.74
N LEU B 40 -2.55 -3.48 -20.66
CA LEU B 40 -2.64 -4.02 -22.02
C LEU B 40 -2.82 -5.53 -21.98
N PHE B 41 -1.94 -6.21 -21.24
CA PHE B 41 -2.09 -7.64 -21.07
C PHE B 41 -3.44 -7.96 -20.43
N PHE B 42 -3.75 -7.26 -19.34
CA PHE B 42 -4.98 -7.57 -18.61
C PHE B 42 -6.23 -7.18 -19.41
N SER B 43 -6.15 -6.10 -20.21
CA SER B 43 -7.30 -5.73 -21.06
C SER B 43 -7.63 -6.85 -22.02
N ALA B 44 -6.60 -7.41 -22.67
CA ALA B 44 -6.85 -8.49 -23.62
C ALA B 44 -7.50 -9.69 -22.95
N ALA B 45 -7.14 -9.95 -21.69
CA ALA B 45 -7.77 -11.05 -20.97
C ALA B 45 -9.21 -10.70 -20.59
N LYS B 46 -9.42 -9.48 -20.07
CA LYS B 46 -10.77 -9.00 -19.74
C LYS B 46 -11.73 -9.08 -20.92
N VAL B 47 -11.26 -8.85 -22.16
CA VAL B 47 -12.12 -8.87 -23.35
C VAL B 47 -12.08 -10.21 -24.08
N GLY B 48 -11.28 -11.16 -23.63
CA GLY B 48 -11.17 -12.43 -24.32
C GLY B 48 -10.32 -12.37 -25.56
N ASN B 49 -9.49 -11.33 -25.68
CA ASN B 49 -8.64 -11.18 -26.84
C ASN B 49 -7.54 -12.23 -26.78
N ILE B 50 -7.93 -13.47 -27.04
CA ILE B 50 -7.03 -14.62 -26.92
C ILE B 50 -5.81 -14.49 -27.81
N GLU B 51 -5.96 -13.83 -28.98
CA GLU B 51 -4.87 -13.69 -29.93
C GLU B 51 -3.76 -12.78 -29.40
N VAL B 52 -4.14 -11.67 -28.76
CA VAL B 52 -3.16 -10.82 -28.06
C VAL B 52 -2.54 -11.54 -26.88
N LEU B 53 -3.31 -12.40 -26.21
CA LEU B 53 -2.72 -13.06 -25.05
C LEU B 53 -1.54 -13.89 -25.51
N GLN B 54 -1.78 -14.80 -26.46
CA GLN B 54 -0.72 -15.70 -26.92
C GLN B 54 0.42 -14.92 -27.55
N GLU B 55 0.09 -13.81 -28.23
CA GLU B 55 1.11 -12.94 -28.80
C GLU B 55 2.04 -12.40 -27.71
N PHE B 56 1.45 -11.83 -26.64
CA PHE B 56 2.24 -11.42 -25.49
C PHE B 56 3.10 -12.57 -24.98
N LEU B 57 2.48 -13.72 -24.74
CA LEU B 57 3.22 -14.82 -24.15
C LEU B 57 4.32 -15.26 -25.09
N SER B 58 3.97 -15.45 -26.37
CA SER B 58 4.93 -16.02 -27.30
C SER B 58 6.19 -15.15 -27.43
N HIS B 59 6.12 -13.88 -27.04
CA HIS B 59 7.34 -13.08 -26.93
C HIS B 59 7.80 -12.93 -25.48
N GLY B 60 7.42 -13.86 -24.61
CA GLY B 60 8.02 -13.97 -23.30
C GLY B 60 7.45 -13.05 -22.24
N PHE B 61 6.19 -12.65 -22.36
CA PHE B 61 5.62 -11.80 -21.33
C PHE B 61 5.22 -12.63 -20.12
N PRO B 62 5.55 -12.20 -18.90
CA PRO B 62 5.36 -13.07 -17.72
C PRO B 62 3.88 -13.24 -17.37
N ILE B 63 3.39 -14.47 -17.48
CA ILE B 63 1.95 -14.73 -17.44
C ILE B 63 1.39 -14.55 -16.03
N ASP B 64 2.23 -14.75 -15.00
CA ASP B 64 1.78 -14.57 -13.63
C ASP B 64 2.06 -13.17 -13.07
N VAL B 65 2.40 -12.20 -13.92
CA VAL B 65 2.66 -10.84 -13.46
C VAL B 65 1.45 -10.32 -12.70
N GLN B 66 1.71 -9.49 -11.69
CA GLN B 66 0.67 -8.96 -10.80
C GLN B 66 0.76 -7.43 -10.75
N ASP B 67 -0.36 -6.77 -10.99
CA ASP B 67 -0.43 -5.32 -10.87
C ASP B 67 -0.41 -4.86 -9.41
N HIS B 68 -0.67 -3.56 -9.23
CA HIS B 68 -0.64 -2.89 -7.94
C HIS B 68 -1.66 -3.43 -6.95
N SER B 69 -2.74 -4.04 -7.42
CA SER B 69 -3.70 -4.70 -6.56
C SER B 69 -3.44 -6.20 -6.41
N GLY B 70 -2.29 -6.70 -6.90
CA GLY B 70 -2.00 -8.13 -6.92
C GLY B 70 -2.77 -8.96 -7.93
N TYR B 71 -3.51 -8.33 -8.84
CA TYR B 71 -4.28 -9.08 -9.83
C TYR B 71 -3.34 -9.76 -10.83
N THR B 72 -3.76 -10.93 -11.33
CA THR B 72 -3.12 -11.62 -12.46
C THR B 72 -4.07 -11.63 -13.66
N ALA B 73 -3.51 -11.85 -14.85
CA ALA B 73 -4.34 -11.96 -16.04
C ALA B 73 -5.44 -13.00 -15.88
N LEU B 74 -5.10 -14.14 -15.25
CA LEU B 74 -6.06 -15.23 -15.09
C LEU B 74 -7.21 -14.81 -14.18
N MET B 75 -6.91 -14.12 -13.07
CA MET B 75 -7.94 -13.49 -12.26
C MET B 75 -8.88 -12.64 -13.12
N MET B 76 -8.31 -11.70 -13.89
CA MET B 76 -9.12 -10.84 -14.77
C MET B 76 -10.07 -11.66 -15.63
N ALA B 77 -9.53 -12.70 -16.28
CA ALA B 77 -10.34 -13.47 -17.22
C ALA B 77 -11.46 -14.21 -16.52
N SER B 78 -11.23 -14.62 -15.28
CA SER B 78 -12.26 -15.34 -14.54
C SER B 78 -13.33 -14.38 -14.07
N TYR B 79 -12.96 -13.20 -13.60
CA TYR B 79 -14.03 -12.29 -13.16
C TYR B 79 -14.96 -11.98 -14.32
N TYR B 80 -14.40 -11.76 -15.52
CA TYR B 80 -15.22 -11.32 -16.64
C TYR B 80 -15.86 -12.47 -17.39
N GLY B 81 -15.77 -13.68 -16.85
CA GLY B 81 -16.45 -14.80 -17.44
C GLY B 81 -15.92 -15.25 -18.80
N GLN B 82 -14.69 -14.85 -19.16
CA GLN B 82 -14.13 -15.24 -20.47
C GLN B 82 -13.52 -16.64 -20.40
N LYS B 83 -14.40 -17.63 -20.61
CA LYS B 83 -14.02 -19.05 -20.58
C LYS B 83 -12.73 -19.30 -21.38
N ASP B 84 -12.67 -18.87 -22.64
CA ASP B 84 -11.57 -19.37 -23.47
C ASP B 84 -10.25 -18.76 -23.07
N ALA B 85 -10.26 -17.57 -22.47
CA ALA B 85 -8.99 -17.03 -21.99
C ALA B 85 -8.51 -17.72 -20.71
N VAL B 86 -9.41 -18.38 -19.98
CA VAL B 86 -8.99 -19.18 -18.85
C VAL B 86 -8.29 -20.43 -19.34
N LYS B 87 -8.94 -21.16 -20.27
CA LYS B 87 -8.35 -22.36 -20.87
C LYS B 87 -6.95 -22.12 -21.40
N VAL B 88 -6.77 -21.12 -22.28
CA VAL B 88 -5.44 -20.87 -22.84
C VAL B 88 -4.46 -20.40 -21.76
N LEU B 89 -4.92 -19.52 -20.86
CA LEU B 89 -4.01 -19.01 -19.84
C LEU B 89 -3.43 -20.14 -19.00
N LEU B 90 -4.28 -21.09 -18.61
CA LEU B 90 -3.81 -22.23 -17.83
C LEU B 90 -2.93 -23.14 -18.69
N GLU B 91 -3.37 -23.40 -19.93
CA GLU B 91 -2.58 -24.25 -20.82
C GLU B 91 -1.17 -23.72 -20.98
N GLN B 92 -1.01 -22.41 -21.07
CA GLN B 92 0.29 -21.74 -21.05
C GLN B 92 0.89 -21.59 -19.65
N GLY B 93 0.33 -22.24 -18.63
CA GLY B 93 1.03 -22.42 -17.37
C GLY B 93 0.79 -21.38 -16.31
N ALA B 94 -0.37 -20.73 -16.31
CA ALA B 94 -0.67 -19.69 -15.32
C ALA B 94 -0.85 -20.33 -13.95
N ASN B 95 -0.21 -19.76 -12.95
CA ASN B 95 -0.34 -20.28 -11.59
C ASN B 95 -1.64 -19.78 -10.95
N ARG B 96 -2.63 -20.66 -10.88
CA ARG B 96 -3.98 -20.30 -10.44
C ARG B 96 -4.12 -20.13 -8.93
N CYS B 97 -3.03 -20.23 -8.18
CA CYS B 97 -3.06 -20.18 -6.73
C CYS B 97 -2.40 -18.91 -6.20
N LEU B 98 -1.92 -18.04 -7.08
CA LEU B 98 -1.56 -16.70 -6.67
C LEU B 98 -2.75 -15.98 -6.03
N ARG B 99 -2.43 -14.94 -5.28
CA ARG B 99 -3.44 -14.22 -4.50
C ARG B 99 -3.25 -12.72 -4.62
N ASP B 100 -4.34 -12.03 -4.85
CA ASP B 100 -4.38 -10.57 -4.91
C ASP B 100 -4.11 -10.04 -3.50
N LYS B 101 -4.14 -8.73 -3.31
CA LYS B 101 -3.65 -8.20 -2.05
C LYS B 101 -4.68 -8.31 -0.93
N ARG B 102 -5.93 -8.62 -1.26
CA ARG B 102 -6.94 -9.07 -0.29
C ARG B 102 -6.87 -10.55 0.07
N GLY B 103 -5.97 -11.36 -0.56
CA GLY B 103 -5.85 -12.80 -0.35
C GLY B 103 -6.72 -13.68 -1.24
N HIS B 104 -7.28 -13.11 -2.31
CA HIS B 104 -8.24 -13.75 -3.21
C HIS B 104 -7.55 -14.45 -4.39
N THR B 105 -8.14 -15.57 -4.82
CA THR B 105 -7.64 -16.31 -5.98
C THR B 105 -8.64 -16.20 -7.15
N ALA B 106 -8.13 -16.53 -8.35
CA ALA B 106 -9.02 -16.62 -9.53
C ALA B 106 -10.22 -17.49 -9.21
N LEU B 107 -10.02 -18.60 -8.51
CA LEU B 107 -11.16 -19.44 -8.14
C LEU B 107 -12.19 -18.63 -7.34
N MET B 108 -11.72 -17.77 -6.44
CA MET B 108 -12.67 -17.04 -5.61
C MET B 108 -13.44 -16.04 -6.46
N GLY B 109 -12.74 -15.32 -7.34
CA GLY B 109 -13.44 -14.43 -8.25
C GLY B 109 -14.53 -15.12 -9.06
N ALA B 110 -14.26 -16.33 -9.54
CA ALA B 110 -15.30 -17.03 -10.28
C ALA B 110 -16.52 -17.27 -9.39
N ILE B 111 -16.28 -17.69 -8.14
CA ILE B 111 -17.36 -17.92 -7.18
C ILE B 111 -18.22 -16.68 -7.05
N VAL B 112 -17.57 -15.53 -6.90
CA VAL B 112 -18.32 -14.34 -6.51
C VAL B 112 -19.01 -13.70 -7.71
N LYS B 113 -18.62 -14.08 -8.93
CA LYS B 113 -19.33 -13.67 -10.14
C LYS B 113 -20.21 -14.80 -10.68
N ALA B 114 -20.44 -15.83 -9.89
CA ALA B 114 -21.25 -16.98 -10.28
C ALA B 114 -20.73 -17.68 -11.54
N GLU B 115 -19.46 -17.50 -11.90
CA GLU B 115 -18.88 -18.14 -13.09
C GLU B 115 -18.45 -19.57 -12.76
N TRP B 116 -19.44 -20.47 -12.71
CA TRP B 116 -19.24 -21.80 -12.17
C TRP B 116 -18.66 -22.79 -13.17
N GLY B 117 -18.74 -22.49 -14.47
CA GLY B 117 -17.94 -23.26 -15.42
C GLY B 117 -16.46 -23.02 -15.23
N ILE B 118 -16.05 -21.74 -15.23
CA ILE B 118 -14.66 -21.46 -14.94
C ILE B 118 -14.29 -21.96 -13.55
N ALA B 119 -15.23 -21.86 -12.60
CA ALA B 119 -14.94 -22.35 -11.25
C ALA B 119 -14.58 -23.82 -11.28
N LYS B 120 -15.35 -24.63 -12.02
CA LYS B 120 -15.04 -26.06 -12.12
C LYS B 120 -13.65 -26.31 -12.68
N GLN B 121 -13.25 -25.56 -13.70
CA GLN B 121 -11.92 -25.77 -14.27
C GLN B 121 -10.84 -25.42 -13.25
N LEU B 122 -10.98 -24.26 -12.60
CA LEU B 122 -9.92 -23.82 -11.70
C LEU B 122 -9.82 -24.69 -10.45
N ARG B 123 -10.90 -25.36 -10.04
CA ARG B 123 -10.91 -26.13 -8.79
C ARG B 123 -10.37 -27.53 -8.96
N GLN B 124 -10.05 -27.93 -10.19
CA GLN B 124 -9.38 -29.19 -10.41
C GLN B 124 -7.99 -29.22 -9.77
N VAL B 125 -7.43 -28.07 -9.41
CA VAL B 125 -6.14 -27.98 -8.74
C VAL B 125 -6.37 -27.28 -7.40
N ASP B 126 -6.17 -28.01 -6.30
CA ASP B 126 -6.60 -27.58 -4.97
C ASP B 126 -5.57 -26.61 -4.36
N CYS B 127 -5.89 -25.32 -4.37
CA CYS B 127 -5.02 -24.28 -3.82
C CYS B 127 -4.94 -24.29 -2.29
N ASP B 128 -5.78 -25.05 -1.60
CA ASP B 128 -5.79 -25.09 -0.14
C ASP B 128 -5.32 -26.44 0.44
N ALA B 129 -4.54 -27.22 -0.32
CA ALA B 129 -4.09 -28.52 0.18
C ALA B 129 -3.26 -28.36 1.45
N ASN B 130 -2.39 -27.36 1.50
CA ASN B 130 -1.46 -27.09 2.59
C ASN B 130 -1.94 -25.93 3.49
N ALA B 131 -3.25 -25.73 3.59
CA ALA B 131 -3.79 -24.54 4.28
C ALA B 131 -3.40 -24.53 5.75
N ALA B 132 -3.71 -25.61 6.48
CA ALA B 132 -3.36 -25.83 7.88
C ALA B 132 -1.99 -25.27 8.25
N LYS B 133 -1.02 -25.41 7.37
CA LYS B 133 0.32 -24.91 7.63
C LYS B 133 0.56 -23.49 7.11
N THR B 134 -0.19 -23.03 6.12
CA THR B 134 -0.04 -21.66 5.66
C THR B 134 -1.00 -20.71 6.36
N GLY B 135 -2.15 -21.21 6.81
CA GLY B 135 -3.15 -20.34 7.40
C GLY B 135 -3.81 -19.42 6.40
N LEU B 136 -3.66 -19.72 5.11
CA LEU B 136 -4.11 -18.82 4.07
C LEU B 136 -5.60 -19.01 3.79
N LEU B 137 -6.25 -17.90 3.46
CA LEU B 137 -7.69 -17.91 3.25
C LEU B 137 -8.07 -18.93 2.18
N THR B 138 -9.05 -19.77 2.50
CA THR B 138 -9.42 -20.89 1.65
C THR B 138 -10.69 -20.60 0.88
N ALA B 139 -10.82 -21.28 -0.24
CA ALA B 139 -11.95 -21.04 -1.13
C ALA B 139 -13.27 -21.56 -0.55
N GLU B 140 -13.23 -22.50 0.39
CA GLU B 140 -14.47 -22.85 1.08
C GLU B 140 -14.87 -21.76 2.09
N GLN B 141 -13.89 -21.17 2.76
CA GLN B 141 -14.20 -20.10 3.69
C GLN B 141 -14.78 -18.91 2.95
N PHE B 142 -14.10 -18.49 1.87
CA PHE B 142 -14.64 -17.43 1.01
C PHE B 142 -16.05 -17.76 0.54
N ALA B 143 -16.30 -19.02 0.20
CA ALA B 143 -17.63 -19.41 -0.28
C ALA B 143 -18.67 -19.28 0.80
N ILE B 144 -18.30 -19.59 2.05
CA ILE B 144 -19.21 -19.41 3.18
C ILE B 144 -19.60 -17.94 3.32
N GLN B 145 -18.63 -17.03 3.17
CA GLN B 145 -18.90 -15.60 3.32
C GLN B 145 -19.96 -15.13 2.34
N PHE B 146 -20.21 -15.89 1.26
CA PHE B 146 -21.11 -15.49 0.21
C PHE B 146 -22.26 -16.47 -0.03
N GLY B 147 -22.34 -17.55 0.74
CA GLY B 147 -23.45 -18.47 0.58
C GLY B 147 -23.32 -19.46 -0.55
N GLN B 148 -22.16 -19.53 -1.20
CA GLN B 148 -21.98 -20.40 -2.35
C GLN B 148 -21.22 -21.69 -2.00
N GLN B 149 -21.30 -22.11 -0.74
CA GLN B 149 -20.46 -23.18 -0.23
C GLN B 149 -20.88 -24.52 -0.82
N GLN B 150 -22.20 -24.73 -0.91
CA GLN B 150 -22.69 -25.98 -1.47
C GLN B 150 -22.27 -26.12 -2.92
N ARG B 151 -22.35 -25.03 -3.69
CA ARG B 151 -21.91 -25.14 -5.05
C ARG B 151 -20.45 -25.51 -5.11
N LEU B 152 -19.60 -24.74 -4.40
CA LEU B 152 -18.18 -25.05 -4.53
C LEU B 152 -17.94 -26.52 -4.18
N LYS B 153 -18.62 -27.01 -3.15
CA LYS B 153 -18.55 -28.43 -2.85
C LYS B 153 -18.91 -29.28 -4.05
N ASP B 154 -19.96 -28.90 -4.76
CA ASP B 154 -20.49 -29.75 -5.82
C ASP B 154 -19.48 -29.89 -6.96
N ILE B 155 -18.66 -28.88 -7.19
CA ILE B 155 -17.71 -28.88 -8.30
C ILE B 155 -16.32 -29.32 -7.82
N GLN B 156 -16.22 -29.70 -6.56
CA GLN B 156 -14.98 -30.20 -6.01
C GLN B 156 -14.65 -31.58 -6.58
N PRO B 157 -13.38 -31.90 -6.79
CA PRO B 157 -13.02 -33.14 -7.49
C PRO B 157 -13.33 -34.37 -6.65
N SER B 158 -13.37 -35.52 -7.33
CA SER B 158 -13.62 -36.79 -6.69
C SER B 158 -12.33 -37.52 -6.32
N THR B 159 -11.18 -36.92 -6.69
CA THR B 159 -9.84 -37.39 -6.33
C THR B 159 -9.70 -37.72 -4.84
N GLU B 160 -10.41 -37.03 -3.96
CA GLU B 160 -10.54 -37.49 -2.58
C GLU B 160 -11.88 -38.24 -2.52
N LYS B 161 -11.79 -39.56 -2.77
CA LYS B 161 -12.92 -40.52 -2.77
C LYS B 161 -12.39 -41.88 -3.17
N ASN C 32 28.91 27.23 4.36
CA ASN C 32 29.14 26.77 5.74
C ASN C 32 28.36 27.60 6.72
N GLY C 33 27.38 26.98 7.35
CA GLY C 33 26.62 27.59 8.43
C GLY C 33 27.08 27.06 9.77
N SER C 34 27.08 27.94 10.78
CA SER C 34 27.61 27.59 12.10
C SER C 34 26.70 26.59 12.81
N ALA C 35 27.23 26.03 13.92
CA ALA C 35 26.46 25.05 14.67
C ALA C 35 25.11 25.60 15.13
N GLU C 36 25.03 26.92 15.29
CA GLU C 36 23.90 27.52 16.01
C GLU C 36 22.69 27.78 15.12
N VAL C 37 22.87 28.23 13.87
CA VAL C 37 21.69 28.37 13.03
C VAL C 37 21.18 27.01 12.60
N ILE C 38 22.08 26.03 12.50
CA ILE C 38 21.64 24.66 12.25
C ILE C 38 20.56 24.27 13.26
N GLU C 39 20.75 24.63 14.54
CA GLU C 39 19.73 24.22 15.50
C GLU C 39 18.49 25.12 15.40
N LEU C 40 18.69 26.41 15.10
CA LEU C 40 17.56 27.25 14.72
C LEU C 40 16.77 26.61 13.59
N PHE C 41 17.47 26.22 12.53
CA PHE C 41 16.81 25.51 11.44
C PHE C 41 16.18 24.22 11.96
N PHE C 42 16.95 23.44 12.72
CA PHE C 42 16.45 22.15 13.17
C PHE C 42 15.34 22.31 14.21
N SER C 43 15.40 23.36 15.05
CA SER C 43 14.32 23.61 16.01
C SER C 43 13.01 23.82 15.30
N ALA C 44 13.02 24.65 14.24
CA ALA C 44 11.79 24.92 13.51
C ALA C 44 11.22 23.64 12.92
N ALA C 45 12.09 22.72 12.48
CA ALA C 45 11.60 21.45 11.95
C ALA C 45 11.06 20.56 13.07
N LYS C 46 11.80 20.46 14.19
CA LYS C 46 11.34 19.70 15.36
C LYS C 46 9.96 20.15 15.85
N VAL C 47 9.63 21.45 15.76
CA VAL C 47 8.35 21.98 16.25
C VAL C 47 7.30 22.10 15.14
N GLY C 48 7.67 21.80 13.89
CA GLY C 48 6.73 21.97 12.80
C GLY C 48 6.57 23.40 12.36
N ASN C 49 7.51 24.26 12.73
CA ASN C 49 7.44 25.67 12.36
C ASN C 49 7.70 25.80 10.87
N ILE C 50 6.72 25.38 10.07
CA ILE C 50 6.84 25.32 8.63
C ILE C 50 7.16 26.68 8.02
N GLU C 51 6.68 27.76 8.65
CA GLU C 51 6.87 29.11 8.13
C GLU C 51 8.33 29.55 8.23
N VAL C 52 8.99 29.24 9.34
CA VAL C 52 10.43 29.46 9.47
C VAL C 52 11.21 28.56 8.53
N LEU C 53 10.73 27.35 8.28
CA LEU C 53 11.49 26.48 7.40
C LEU C 53 11.60 27.14 6.04
N GLN C 54 10.46 27.47 5.44
CA GLN C 54 10.45 28.05 4.09
C GLN C 54 11.17 29.38 4.06
N GLU C 55 11.07 30.14 5.15
CA GLU C 55 11.80 31.41 5.28
C GLU C 55 13.30 31.17 5.18
N PHE C 56 13.82 30.24 5.98
CA PHE C 56 15.23 29.85 5.86
C PHE C 56 15.55 29.47 4.43
N LEU C 57 14.76 28.56 3.85
CA LEU C 57 15.10 28.09 2.51
C LEU C 57 15.04 29.22 1.52
N SER C 58 13.96 30.00 1.58
CA SER C 58 13.75 31.03 0.56
C SER C 58 14.89 32.04 0.54
N HIS C 59 15.67 32.14 1.60
CA HIS C 59 16.91 32.93 1.55
C HIS C 59 18.14 32.05 1.41
N GLY C 60 17.99 30.84 0.87
CA GLY C 60 19.13 30.05 0.43
C GLY C 60 19.81 29.25 1.52
N PHE C 61 19.10 28.86 2.56
CA PHE C 61 19.75 28.06 3.60
C PHE C 61 19.83 26.61 3.15
N PRO C 62 20.98 25.95 3.30
CA PRO C 62 21.17 24.60 2.70
C PRO C 62 20.34 23.54 3.42
N ILE C 63 19.38 22.96 2.69
CA ILE C 63 18.35 22.13 3.32
C ILE C 63 18.92 20.80 3.80
N ASP C 64 19.99 20.31 3.15
CA ASP C 64 20.61 19.05 3.54
C ASP C 64 21.78 19.24 4.53
N VAL C 65 21.93 20.42 5.13
CA VAL C 65 23.00 20.65 6.08
C VAL C 65 22.91 19.62 7.21
N GLN C 66 24.08 19.24 7.73
CA GLN C 66 24.19 18.21 8.76
C GLN C 66 24.99 18.74 9.95
N ASP C 67 24.41 18.61 11.15
CA ASP C 67 25.11 18.99 12.36
C ASP C 67 26.22 18.00 12.72
N HIS C 68 26.77 18.16 13.92
CA HIS C 68 27.90 17.35 14.37
C HIS C 68 27.55 15.88 14.56
N SER C 69 26.28 15.55 14.74
CA SER C 69 25.86 14.15 14.76
C SER C 69 25.43 13.65 13.38
N GLY C 70 25.65 14.42 12.31
CA GLY C 70 25.17 14.08 10.98
C GLY C 70 23.67 14.23 10.75
N TYR C 71 22.94 14.81 11.69
CA TYR C 71 21.50 14.96 11.53
C TYR C 71 21.18 15.98 10.44
N THR C 72 20.07 15.77 9.72
CA THR C 72 19.48 16.74 8.78
C THR C 72 18.14 17.23 9.33
N ALA C 73 17.69 18.38 8.82
CA ALA C 73 16.38 18.88 9.23
C ALA C 73 15.28 17.85 9.01
N LEU C 74 15.35 17.13 7.88
CA LEU C 74 14.32 16.14 7.55
C LEU C 74 14.31 14.99 8.56
N MET C 75 15.50 14.50 8.94
CA MET C 75 15.61 13.56 10.06
C MET C 75 14.88 14.09 11.30
N MET C 76 15.21 15.31 11.73
CA MET C 76 14.56 15.91 12.90
C MET C 76 13.04 15.84 12.77
N ALA C 77 12.51 16.27 11.62
CA ALA C 77 11.07 16.35 11.47
C ALA C 77 10.42 14.99 11.52
N SER C 78 11.12 13.97 11.04
CA SER C 78 10.57 12.63 11.04
C SER C 78 10.59 12.06 12.45
N TYR C 79 11.67 12.30 13.22
CA TYR C 79 11.73 11.78 14.59
C TYR C 79 10.56 12.32 15.39
N TYR C 80 10.25 13.59 15.20
CA TYR C 80 9.24 14.24 16.04
C TYR C 80 7.83 14.12 15.47
N GLY C 81 7.67 13.31 14.43
CA GLY C 81 6.34 13.07 13.91
C GLY C 81 5.67 14.25 13.24
N GLN C 82 6.42 15.28 12.85
CA GLN C 82 5.82 16.46 12.22
C GLN C 82 5.62 16.22 10.73
N LYS C 83 4.49 15.58 10.38
CA LYS C 83 4.20 15.27 8.98
C LYS C 83 4.34 16.47 8.05
N ASP C 84 3.79 17.65 8.41
CA ASP C 84 3.76 18.69 7.37
C ASP C 84 5.16 19.23 7.11
N ALA C 85 6.07 19.15 8.07
CA ALA C 85 7.43 19.59 7.78
C ALA C 85 8.19 18.56 6.94
N VAL C 86 7.73 17.31 6.93
CA VAL C 86 8.33 16.33 6.03
C VAL C 86 7.90 16.62 4.60
N LYS C 87 6.59 16.80 4.38
CA LYS C 87 6.04 17.14 3.06
C LYS C 87 6.76 18.34 2.44
N VAL C 88 6.80 19.47 3.17
CA VAL C 88 7.45 20.67 2.60
C VAL C 88 8.94 20.45 2.42
N LEU C 89 9.60 19.81 3.38
CA LEU C 89 11.04 19.63 3.29
C LEU C 89 11.40 18.86 2.02
N LEU C 90 10.65 17.79 1.74
CA LEU C 90 10.89 17.01 0.54
C LEU C 90 10.53 17.80 -0.70
N GLU C 91 9.38 18.48 -0.67
CA GLU C 91 8.96 19.29 -1.81
C GLU C 91 10.03 20.30 -2.20
N GLN C 92 10.68 20.90 -1.22
CA GLN C 92 11.84 21.75 -1.43
C GLN C 92 13.15 20.99 -1.67
N GLY C 93 13.10 19.68 -1.86
CA GLY C 93 14.23 18.95 -2.41
C GLY C 93 15.20 18.35 -1.42
N ALA C 94 14.73 17.99 -0.23
CA ALA C 94 15.63 17.43 0.79
C ALA C 94 16.03 16.02 0.37
N ASN C 95 17.32 15.73 0.47
CA ASN C 95 17.81 14.40 0.12
C ASN C 95 17.59 13.43 1.27
N ARG C 96 16.58 12.58 1.14
CA ARG C 96 16.12 11.68 2.20
C ARG C 96 17.02 10.47 2.42
N CYS C 97 18.14 10.38 1.71
CA CYS C 97 19.01 9.22 1.76
C CYS C 97 20.35 9.56 2.42
N LEU C 98 20.53 10.80 2.85
CA LEU C 98 21.65 11.12 3.73
C LEU C 98 21.58 10.28 5.00
N ARG C 99 22.72 10.19 5.67
CA ARG C 99 22.86 9.32 6.84
C ARG C 99 23.61 10.04 7.95
N ASP C 100 23.09 9.93 9.15
CA ASP C 100 23.70 10.46 10.37
C ASP C 100 24.97 9.66 10.64
N LYS C 101 25.67 9.95 11.73
CA LYS C 101 26.99 9.36 11.87
C LYS C 101 26.94 7.92 12.37
N ARG C 102 25.80 7.42 12.83
CA ARG C 102 25.62 5.97 13.01
C ARG C 102 25.11 5.23 11.76
N GLY C 103 24.92 5.94 10.63
CA GLY C 103 24.45 5.32 9.39
C GLY C 103 22.95 5.31 9.18
N HIS C 104 22.20 6.07 9.97
CA HIS C 104 20.74 6.10 10.01
C HIS C 104 20.16 7.13 9.04
N THR C 105 19.00 6.81 8.45
CA THR C 105 18.27 7.72 7.57
C THR C 105 16.97 8.20 8.23
N ALA C 106 16.42 9.30 7.68
CA ALA C 106 15.10 9.76 8.11
C ALA C 106 14.11 8.62 8.11
N LEU C 107 14.14 7.77 7.08
CA LEU C 107 13.24 6.62 7.07
C LEU C 107 13.43 5.75 8.31
N MET C 108 14.67 5.57 8.75
CA MET C 108 14.89 4.70 9.88
C MET C 108 14.34 5.34 11.15
N GLY C 109 14.59 6.63 11.33
CA GLY C 109 14.00 7.33 12.46
C GLY C 109 12.49 7.20 12.53
N ALA C 110 11.81 7.30 11.40
CA ALA C 110 10.37 7.13 11.43
C ALA C 110 10.01 5.74 11.93
N ILE C 111 10.72 4.71 11.45
CA ILE C 111 10.48 3.34 11.89
C ILE C 111 10.58 3.24 13.40
N VAL C 112 11.62 3.84 13.97
CA VAL C 112 11.92 3.58 15.35
C VAL C 112 11.05 4.42 16.28
N LYS C 113 10.39 5.45 15.76
CA LYS C 113 9.38 6.21 16.49
C LYS C 113 7.97 5.82 16.09
N ALA C 114 7.81 4.70 15.38
CA ALA C 114 6.53 4.22 14.91
C ALA C 114 5.78 5.25 14.04
N GLU C 115 6.48 6.22 13.45
CA GLU C 115 5.84 7.24 12.60
C GLU C 115 5.66 6.68 11.18
N TRP C 116 4.62 5.84 11.02
CA TRP C 116 4.46 5.05 9.81
C TRP C 116 3.78 5.79 8.68
N GLY C 117 3.09 6.89 8.97
CA GLY C 117 2.67 7.77 7.88
C GLY C 117 3.87 8.43 7.22
N ILE C 118 4.73 9.07 8.02
CA ILE C 118 5.94 9.63 7.44
C ILE C 118 6.78 8.52 6.82
N ALA C 119 6.79 7.34 7.44
CA ALA C 119 7.56 6.24 6.88
C ALA C 119 7.09 5.92 5.46
N LYS C 120 5.78 5.86 5.25
CA LYS C 120 5.26 5.58 3.91
C LYS C 120 5.70 6.63 2.90
N GLN C 121 5.70 7.91 3.28
CA GLN C 121 6.12 8.94 2.34
C GLN C 121 7.59 8.78 2.01
N LEU C 122 8.44 8.60 3.03
CA LEU C 122 9.88 8.55 2.77
C LEU C 122 10.30 7.29 2.00
N ARG C 123 9.52 6.20 2.08
CA ARG C 123 9.91 4.93 1.47
C ARG C 123 9.51 4.86 0.00
N GLN C 124 8.80 5.85 -0.50
CA GLN C 124 8.52 5.92 -1.92
C GLN C 124 9.79 6.08 -2.75
N VAL C 125 10.90 6.46 -2.14
CA VAL C 125 12.19 6.59 -2.80
C VAL C 125 13.17 5.65 -2.10
N ASP C 126 13.63 4.62 -2.81
CA ASP C 126 14.35 3.50 -2.22
C ASP C 126 15.83 3.87 -2.02
N CYS C 127 16.21 4.16 -0.78
CA CYS C 127 17.60 4.50 -0.44
C CYS C 127 18.56 3.32 -0.50
N ASP C 128 18.08 2.10 -0.64
CA ASP C 128 18.93 0.91 -0.67
C ASP C 128 18.97 0.21 -2.04
N ALA C 129 18.66 0.92 -3.13
CA ALA C 129 18.65 0.30 -4.44
C ALA C 129 20.03 -0.26 -4.80
N ASN C 130 21.09 0.49 -4.48
CA ASN C 130 22.47 0.16 -4.81
C ASN C 130 23.23 -0.39 -3.58
N ALA C 131 22.53 -1.04 -2.66
CA ALA C 131 23.14 -1.45 -1.39
C ALA C 131 24.29 -2.42 -1.60
N ALA C 132 24.03 -3.53 -2.30
CA ALA C 132 25.00 -4.56 -2.68
C ALA C 132 26.38 -3.99 -3.02
N LYS C 133 26.40 -2.85 -3.69
CA LYS C 133 27.63 -2.18 -4.10
C LYS C 133 28.17 -1.22 -3.05
N THR C 134 27.29 -0.61 -2.24
CA THR C 134 27.76 0.30 -1.20
C THR C 134 27.99 -0.40 0.13
N GLY C 135 27.28 -1.50 0.38
CA GLY C 135 27.39 -2.16 1.67
C GLY C 135 26.78 -1.37 2.80
N LEU C 136 25.96 -0.37 2.48
CA LEU C 136 25.45 0.56 3.48
C LEU C 136 24.24 -0.02 4.18
N LEU C 137 24.12 0.30 5.46
CA LEU C 137 23.06 -0.23 6.30
C LEU C 137 21.70 0.08 5.68
N THR C 138 20.87 -0.95 5.56
CA THR C 138 19.60 -0.85 4.86
C THR C 138 18.44 -0.76 5.83
N ALA C 139 17.36 -0.17 5.35
CA ALA C 139 16.21 0.08 6.20
C ALA C 139 15.45 -1.20 6.54
N GLU C 140 15.61 -2.28 5.76
CA GLU C 140 15.06 -3.56 6.20
C GLU C 140 15.91 -4.18 7.30
N GLN C 141 17.23 -4.03 7.21
CA GLN C 141 18.07 -4.55 8.28
C GLN C 141 17.81 -3.82 9.58
N PHE C 142 17.79 -2.48 9.53
CA PHE C 142 17.41 -1.69 10.70
C PHE C 142 16.07 -2.13 11.25
N ALA C 143 15.11 -2.42 10.37
CA ALA C 143 13.77 -2.81 10.82
C ALA C 143 13.81 -4.15 11.53
N ILE C 144 14.66 -5.07 11.07
CA ILE C 144 14.84 -6.36 11.73
C ILE C 144 15.35 -6.15 13.16
N GLN C 145 16.30 -5.24 13.34
CA GLN C 145 16.87 -5.00 14.65
C GLN C 145 15.81 -4.56 15.66
N PHE C 146 14.66 -4.10 15.18
CA PHE C 146 13.62 -3.55 16.04
C PHE C 146 12.28 -4.27 15.90
N GLY C 147 12.18 -5.30 15.07
CA GLY C 147 10.94 -6.04 14.96
C GLY C 147 9.89 -5.42 14.07
N GLN C 148 10.22 -4.35 13.35
CA GLN C 148 9.24 -3.65 12.53
C GLN C 148 9.34 -4.01 11.04
N GLN C 149 9.86 -5.20 10.75
CA GLN C 149 10.22 -5.57 9.38
C GLN C 149 8.97 -5.78 8.54
N GLN C 150 7.95 -6.42 9.13
CA GLN C 150 6.72 -6.64 8.39
C GLN C 150 6.06 -5.32 8.05
N ARG C 151 6.09 -4.39 8.99
CA ARG C 151 5.50 -3.09 8.75
C ARG C 151 6.21 -2.38 7.59
N LEU C 152 7.54 -2.35 7.63
CA LEU C 152 8.24 -1.67 6.54
C LEU C 152 7.93 -2.32 5.21
N LYS C 153 7.88 -3.65 5.21
CA LYS C 153 7.45 -4.35 4.01
C LYS C 153 6.11 -3.87 3.52
N ASP C 154 5.16 -3.69 4.43
CA ASP C 154 3.79 -3.40 4.05
C ASP C 154 3.69 -2.05 3.35
N ILE C 155 4.56 -1.10 3.70
CA ILE C 155 4.52 0.25 3.15
C ILE C 155 5.50 0.40 1.99
N GLN C 156 6.15 -0.70 1.62
CA GLN C 156 7.06 -0.70 0.49
C GLN C 156 6.28 -0.56 -0.82
N PRO C 157 6.84 0.13 -1.81
CA PRO C 157 6.08 0.42 -3.03
C PRO C 157 5.81 -0.83 -3.86
N SER C 158 4.85 -0.70 -4.77
CA SER C 158 4.49 -1.78 -5.67
C SER C 158 5.21 -1.69 -7.01
N THR C 159 5.75 -0.53 -7.32
CA THR C 159 6.45 -0.36 -8.59
C THR C 159 7.84 -0.97 -8.54
N GLU C 160 8.42 -1.04 -7.34
CA GLU C 160 9.60 -1.85 -7.13
C GLU C 160 9.15 -3.25 -6.73
N LYS C 161 9.46 -4.23 -7.57
CA LYS C 161 9.30 -5.63 -7.17
C LYS C 161 10.13 -6.52 -8.07
N ASN D 32 -36.03 -22.13 23.41
CA ASN D 32 -36.33 -21.57 22.10
C ASN D 32 -37.13 -20.29 22.23
N GLY D 33 -36.52 -19.18 21.86
CA GLY D 33 -37.20 -17.89 21.79
C GLY D 33 -37.52 -17.54 20.36
N SER D 34 -38.67 -16.89 20.17
CA SER D 34 -39.17 -16.58 18.84
C SER D 34 -38.31 -15.51 18.15
N ALA D 35 -38.54 -15.35 16.84
CA ALA D 35 -37.77 -14.37 16.08
C ALA D 35 -37.90 -12.97 16.66
N GLU D 36 -39.01 -12.68 17.35
CA GLU D 36 -39.37 -11.31 17.69
C GLU D 36 -38.72 -10.82 18.98
N VAL D 37 -38.62 -11.66 20.02
CA VAL D 37 -37.91 -11.17 21.20
C VAL D 37 -36.42 -11.11 20.94
N ILE D 38 -35.92 -11.98 20.05
CA ILE D 38 -34.53 -11.87 19.62
C ILE D 38 -34.23 -10.45 19.16
N GLU D 39 -35.16 -9.84 18.40
CA GLU D 39 -34.85 -8.49 17.95
C GLU D 39 -35.06 -7.47 19.06
N LEU D 40 -36.05 -7.70 19.93
CA LEU D 40 -36.13 -6.92 21.18
C LEU D 40 -34.81 -6.98 21.94
N PHE D 41 -34.29 -8.20 22.14
CA PHE D 41 -32.98 -8.35 22.76
C PHE D 41 -31.93 -7.64 21.94
N PHE D 42 -31.91 -7.89 20.63
CA PHE D 42 -30.87 -7.33 19.78
C PHE D 42 -31.04 -5.81 19.64
N SER D 43 -32.27 -5.29 19.64
CA SER D 43 -32.47 -3.84 19.58
C SER D 43 -31.82 -3.17 20.77
N ALA D 44 -32.05 -3.71 21.97
CA ALA D 44 -31.46 -3.12 23.17
C ALA D 44 -29.94 -3.11 23.09
N ALA D 45 -29.35 -4.13 22.48
CA ALA D 45 -27.89 -4.14 22.32
C ALA D 45 -27.44 -3.14 21.27
N LYS D 46 -28.13 -3.11 20.12
CA LYS D 46 -27.85 -2.11 19.07
C LYS D 46 -27.89 -0.66 19.58
N VAL D 47 -28.78 -0.35 20.55
CA VAL D 47 -28.92 1.02 21.06
C VAL D 47 -28.14 1.24 22.36
N GLY D 48 -27.49 0.20 22.90
CA GLY D 48 -26.79 0.35 24.15
C GLY D 48 -27.70 0.33 25.35
N ASN D 49 -28.93 -0.14 25.19
CA ASN D 49 -29.87 -0.19 26.28
C ASN D 49 -29.44 -1.26 27.27
N ILE D 50 -28.37 -0.94 28.00
CA ILE D 50 -27.74 -1.88 28.92
C ILE D 50 -28.71 -2.38 29.99
N GLU D 51 -29.66 -1.54 30.39
CA GLU D 51 -30.62 -1.89 31.45
C GLU D 51 -31.58 -2.98 31.00
N VAL D 52 -32.07 -2.90 29.76
CA VAL D 52 -32.87 -3.98 29.17
C VAL D 52 -32.03 -5.23 28.96
N LEU D 53 -30.76 -5.08 28.65
CA LEU D 53 -29.96 -6.28 28.43
C LEU D 53 -29.94 -7.11 29.71
N GLN D 54 -29.51 -6.48 30.81
CA GLN D 54 -29.39 -7.21 32.07
C GLN D 54 -30.75 -7.71 32.55
N GLU D 55 -31.80 -6.93 32.28
CA GLU D 55 -33.15 -7.35 32.60
C GLU D 55 -33.51 -8.65 31.89
N PHE D 56 -33.30 -8.68 30.57
CA PHE D 56 -33.47 -9.93 29.82
C PHE D 56 -32.68 -11.05 30.45
N LEU D 57 -31.37 -10.82 30.67
CA LEU D 57 -30.54 -11.89 31.17
C LEU D 57 -31.01 -12.33 32.54
N SER D 58 -31.25 -11.36 33.42
CA SER D 58 -31.56 -11.69 34.81
C SER D 58 -32.82 -12.55 34.91
N HIS D 59 -33.66 -12.56 33.88
CA HIS D 59 -34.76 -13.53 33.85
C HIS D 59 -34.47 -14.69 32.91
N GLY D 60 -33.18 -14.97 32.65
CA GLY D 60 -32.81 -16.21 32.00
C GLY D 60 -32.89 -16.21 30.50
N PHE D 61 -32.75 -15.07 29.84
CA PHE D 61 -32.81 -15.06 28.39
C PHE D 61 -31.45 -15.49 27.83
N PRO D 62 -31.44 -16.40 26.83
CA PRO D 62 -30.15 -17.00 26.40
C PRO D 62 -29.28 -16.01 25.64
N ILE D 63 -28.12 -15.68 26.23
CA ILE D 63 -27.31 -14.55 25.77
C ILE D 63 -26.66 -14.86 24.42
N ASP D 64 -26.40 -16.13 24.12
CA ASP D 64 -25.79 -16.51 22.85
C ASP D 64 -26.82 -16.88 21.77
N VAL D 65 -28.10 -16.57 21.98
CA VAL D 65 -29.12 -16.88 20.99
C VAL D 65 -28.75 -16.22 19.65
N GLN D 66 -29.11 -16.91 18.57
CA GLN D 66 -28.77 -16.49 17.20
C GLN D 66 -30.03 -16.40 16.34
N ASP D 67 -30.21 -15.26 15.69
CA ASP D 67 -31.33 -15.09 14.77
C ASP D 67 -31.11 -15.86 13.47
N HIS D 68 -31.96 -15.57 12.48
CA HIS D 68 -31.95 -16.32 11.23
C HIS D 68 -30.66 -16.08 10.44
N SER D 69 -30.02 -14.94 10.63
CA SER D 69 -28.73 -14.71 9.98
C SER D 69 -27.56 -15.19 10.83
N GLY D 70 -27.80 -15.93 11.93
CA GLY D 70 -26.75 -16.33 12.86
C GLY D 70 -26.19 -15.23 13.75
N TYR D 71 -26.79 -14.05 13.76
CA TYR D 71 -26.28 -12.96 14.58
C TYR D 71 -26.52 -13.25 16.06
N THR D 72 -25.60 -12.77 16.92
CA THR D 72 -25.76 -12.77 18.37
C THR D 72 -25.87 -11.32 18.86
N ALA D 73 -26.41 -11.15 20.07
CA ALA D 73 -26.48 -9.82 20.66
C ALA D 73 -25.12 -9.14 20.69
N LEU D 74 -24.07 -9.89 21.02
CA LEU D 74 -22.72 -9.33 21.12
C LEU D 74 -22.22 -8.82 19.77
N MET D 75 -22.46 -9.61 18.71
CA MET D 75 -22.22 -9.14 17.35
C MET D 75 -22.90 -7.78 17.10
N MET D 76 -24.20 -7.70 17.37
CA MET D 76 -24.95 -6.46 17.19
C MET D 76 -24.25 -5.29 17.89
N ALA D 77 -23.89 -5.50 19.17
CA ALA D 77 -23.34 -4.40 19.94
C ALA D 77 -21.99 -3.96 19.41
N SER D 78 -21.23 -4.89 18.85
CA SER D 78 -19.93 -4.54 18.30
C SER D 78 -20.08 -3.80 16.99
N TYR D 79 -21.00 -4.27 16.13
CA TYR D 79 -21.26 -3.58 14.86
C TYR D 79 -21.61 -2.11 15.09
N TYR D 80 -22.39 -1.80 16.13
CA TYR D 80 -22.89 -0.45 16.36
C TYR D 80 -22.00 0.35 17.28
N GLY D 81 -20.83 -0.17 17.61
CA GLY D 81 -19.89 0.58 18.41
C GLY D 81 -20.30 0.84 19.83
N GLN D 82 -21.26 0.08 20.38
CA GLN D 82 -21.71 0.30 21.77
C GLN D 82 -20.78 -0.41 22.75
N LYS D 83 -19.69 0.28 23.14
CA LYS D 83 -18.71 -0.30 24.06
C LYS D 83 -19.36 -0.89 25.30
N ASP D 84 -20.23 -0.14 25.97
CA ASP D 84 -20.61 -0.64 27.29
C ASP D 84 -21.48 -1.88 27.18
N ALA D 85 -22.19 -2.07 26.07
CA ALA D 85 -22.94 -3.31 25.94
C ALA D 85 -22.04 -4.49 25.60
N VAL D 86 -20.84 -4.23 25.09
CA VAL D 86 -19.88 -5.32 24.88
C VAL D 86 -19.34 -5.77 26.23
N LYS D 87 -18.88 -4.81 27.04
CA LYS D 87 -18.37 -5.11 28.39
C LYS D 87 -19.35 -5.94 29.21
N VAL D 88 -20.60 -5.48 29.34
CA VAL D 88 -21.58 -6.23 30.14
C VAL D 88 -21.90 -7.57 29.49
N LEU D 89 -22.06 -7.59 28.18
CA LEU D 89 -22.43 -8.83 27.51
C LEU D 89 -21.39 -9.92 27.78
N LEU D 90 -20.11 -9.56 27.69
CA LEU D 90 -19.05 -10.52 27.96
C LEU D 90 -19.02 -10.87 29.44
N GLU D 91 -19.14 -9.85 30.31
CA GLU D 91 -19.13 -10.11 31.74
C GLU D 91 -20.20 -11.12 32.13
N GLN D 92 -21.36 -11.04 31.51
CA GLN D 92 -22.43 -12.03 31.66
C GLN D 92 -22.21 -13.30 30.80
N GLY D 93 -21.03 -13.48 30.21
CA GLY D 93 -20.64 -14.78 29.68
C GLY D 93 -20.96 -15.04 28.23
N ALA D 94 -21.01 -14.00 27.39
CA ALA D 94 -21.34 -14.18 25.98
C ALA D 94 -20.17 -14.87 25.28
N ASN D 95 -20.48 -15.88 24.48
CA ASN D 95 -19.44 -16.59 23.75
C ASN D 95 -19.07 -15.81 22.49
N ARG D 96 -17.91 -15.14 22.53
CA ARG D 96 -17.48 -14.23 21.47
C ARG D 96 -16.93 -14.94 20.23
N CYS D 97 -16.99 -16.26 20.19
CA CYS D 97 -16.41 -17.04 19.10
C CYS D 97 -17.48 -17.72 18.26
N LEU D 98 -18.76 -17.52 18.60
CA LEU D 98 -19.83 -17.89 17.69
C LEU D 98 -19.67 -17.17 16.35
N ARG D 99 -20.34 -17.72 15.34
CA ARG D 99 -20.20 -17.23 13.97
C ARG D 99 -21.55 -17.14 13.29
N ASP D 100 -21.78 -16.03 12.63
CA ASP D 100 -22.99 -15.78 11.84
C ASP D 100 -22.94 -16.72 10.63
N LYS D 101 -23.91 -16.65 9.74
CA LYS D 101 -24.02 -17.68 8.73
C LYS D 101 -23.05 -17.47 7.57
N ARG D 102 -22.37 -16.31 7.53
CA ARG D 102 -21.23 -16.07 6.66
C ARG D 102 -19.90 -16.50 7.25
N GLY D 103 -19.89 -16.98 8.50
CA GLY D 103 -18.67 -17.37 9.20
C GLY D 103 -17.99 -16.27 10.00
N HIS D 104 -18.66 -15.14 10.22
CA HIS D 104 -18.12 -13.93 10.84
C HIS D 104 -18.32 -13.94 12.36
N THR D 105 -17.35 -13.36 13.07
CA THR D 105 -17.43 -13.20 14.53
C THR D 105 -17.60 -11.73 14.92
N ALA D 106 -18.04 -11.51 16.17
CA ALA D 106 -18.09 -10.16 16.72
C ALA D 106 -16.77 -9.43 16.49
N LEU D 107 -15.65 -10.13 16.69
CA LEU D 107 -14.35 -9.50 16.43
C LEU D 107 -14.27 -8.99 14.99
N MET D 108 -14.80 -9.77 14.04
CA MET D 108 -14.66 -9.36 12.65
C MET D 108 -15.53 -8.14 12.39
N GLY D 109 -16.75 -8.13 12.90
CA GLY D 109 -17.57 -6.94 12.78
C GLY D 109 -16.91 -5.69 13.30
N ALA D 110 -16.23 -5.79 14.44
CA ALA D 110 -15.55 -4.61 14.95
C ALA D 110 -14.51 -4.13 13.96
N ILE D 111 -13.73 -5.07 13.39
CA ILE D 111 -12.71 -4.74 12.39
C ILE D 111 -13.33 -3.96 11.25
N VAL D 112 -14.47 -4.43 10.76
CA VAL D 112 -14.98 -3.88 9.50
C VAL D 112 -15.73 -2.57 9.73
N LYS D 113 -16.08 -2.26 10.98
CA LYS D 113 -16.62 -0.96 11.35
C LYS D 113 -15.58 -0.07 12.01
N ALA D 114 -14.31 -0.44 11.92
CA ALA D 114 -13.21 0.29 12.53
C ALA D 114 -13.37 0.49 14.04
N GLU D 115 -14.17 -0.35 14.72
CA GLU D 115 -14.38 -0.23 16.17
C GLU D 115 -13.25 -0.95 16.90
N TRP D 116 -12.10 -0.27 16.98
CA TRP D 116 -10.86 -0.90 17.43
C TRP D 116 -10.71 -0.94 18.93
N GLY D 117 -11.46 -0.12 19.67
CA GLY D 117 -11.54 -0.34 21.11
C GLY D 117 -12.25 -1.64 21.44
N ILE D 118 -13.45 -1.82 20.88
CA ILE D 118 -14.13 -3.10 21.07
C ILE D 118 -13.29 -4.24 20.49
N ALA D 119 -12.60 -3.97 19.38
CA ALA D 119 -11.76 -5.02 18.80
C ALA D 119 -10.71 -5.49 19.80
N LYS D 120 -10.05 -4.54 20.47
CA LYS D 120 -9.04 -4.90 21.47
C LYS D 120 -9.63 -5.77 22.58
N GLN D 121 -10.83 -5.44 23.05
CA GLN D 121 -11.42 -6.25 24.12
C GLN D 121 -11.71 -7.65 23.62
N LEU D 122 -12.34 -7.76 22.44
CA LEU D 122 -12.75 -9.08 21.97
C LEU D 122 -11.56 -9.97 21.60
N ARG D 123 -10.41 -9.38 21.25
CA ARG D 123 -9.27 -10.16 20.77
C ARG D 123 -8.40 -10.68 21.91
N GLN D 124 -8.72 -10.30 23.14
CA GLN D 124 -8.06 -10.89 24.29
C GLN D 124 -8.31 -12.39 24.40
N VAL D 125 -9.32 -12.91 23.72
CA VAL D 125 -9.63 -14.34 23.70
C VAL D 125 -9.56 -14.80 22.25
N ASP D 126 -8.60 -15.67 21.95
CA ASP D 126 -8.22 -16.01 20.57
C ASP D 126 -9.17 -17.07 20.00
N CYS D 127 -10.11 -16.63 19.15
CA CYS D 127 -11.07 -17.54 18.52
C CYS D 127 -10.47 -18.45 17.45
N ASP D 128 -9.21 -18.24 17.05
CA ASP D 128 -8.57 -19.04 16.02
C ASP D 128 -7.42 -19.92 16.55
N ALA D 129 -7.40 -20.23 17.85
CA ALA D 129 -6.32 -21.05 18.40
C ALA D 129 -6.26 -22.41 17.72
N ASN D 130 -7.42 -23.03 17.47
CA ASN D 130 -7.54 -24.37 16.92
C ASN D 130 -7.92 -24.32 15.43
N ALA D 131 -7.52 -23.28 14.70
CA ALA D 131 -7.99 -23.07 13.32
C ALA D 131 -7.56 -24.21 12.41
N ALA D 132 -6.24 -24.49 12.38
CA ALA D 132 -5.62 -25.58 11.61
C ALA D 132 -6.47 -26.85 11.58
N LYS D 133 -7.09 -27.19 12.71
CA LYS D 133 -7.95 -28.38 12.74
C LYS D 133 -9.39 -28.08 12.32
N THR D 134 -9.90 -26.88 12.59
CA THR D 134 -11.27 -26.58 12.21
C THR D 134 -11.37 -26.05 10.78
N GLY D 135 -10.32 -25.43 10.28
CA GLY D 135 -10.39 -24.82 8.96
C GLY D 135 -11.28 -23.61 8.89
N LEU D 136 -11.63 -23.05 10.05
CA LEU D 136 -12.62 -21.98 10.11
C LEU D 136 -11.99 -20.63 9.83
N LEU D 137 -12.77 -19.78 9.17
CA LEU D 137 -12.28 -18.48 8.76
C LEU D 137 -11.73 -17.70 9.94
N THR D 138 -10.52 -17.17 9.79
CA THR D 138 -9.81 -16.54 10.89
C THR D 138 -9.86 -15.03 10.77
N ALA D 139 -9.70 -14.38 11.91
CA ALA D 139 -9.82 -12.94 11.95
C ALA D 139 -8.64 -12.23 11.32
N GLU D 140 -7.49 -12.89 11.17
CA GLU D 140 -6.42 -12.30 10.36
C GLU D 140 -6.73 -12.40 8.87
N GLN D 141 -7.33 -13.52 8.45
CA GLN D 141 -7.69 -13.63 7.05
C GLN D 141 -8.74 -12.60 6.68
N PHE D 142 -9.80 -12.50 7.50
CA PHE D 142 -10.81 -11.47 7.31
C PHE D 142 -10.17 -10.08 7.26
N ALA D 143 -9.18 -9.84 8.12
CA ALA D 143 -8.54 -8.53 8.15
C ALA D 143 -7.77 -8.25 6.88
N ILE D 144 -7.15 -9.29 6.30
CA ILE D 144 -6.47 -9.15 5.02
C ILE D 144 -7.45 -8.72 3.93
N GLN D 145 -8.64 -9.33 3.91
CA GLN D 145 -9.63 -9.01 2.89
C GLN D 145 -10.01 -7.54 2.91
N PHE D 146 -9.73 -6.84 4.01
CA PHE D 146 -10.14 -5.45 4.17
C PHE D 146 -8.97 -4.49 4.44
N GLY D 147 -7.74 -4.98 4.46
CA GLY D 147 -6.61 -4.09 4.64
C GLY D 147 -6.32 -3.70 6.08
N GLN D 148 -6.99 -4.31 7.06
CA GLN D 148 -6.83 -3.92 8.45
C GLN D 148 -5.94 -4.89 9.22
N GLN D 149 -5.05 -5.57 8.52
CA GLN D 149 -4.30 -6.69 9.10
C GLN D 149 -3.27 -6.17 10.10
N GLN D 150 -2.61 -5.06 9.77
CA GLN D 150 -1.63 -4.50 10.67
C GLN D 150 -2.30 -4.06 11.97
N ARG D 151 -3.45 -3.42 11.83
CA ARG D 151 -4.21 -2.99 12.99
C ARG D 151 -4.55 -4.17 13.90
N LEU D 152 -5.09 -5.26 13.34
CA LEU D 152 -5.46 -6.40 14.17
C LEU D 152 -4.21 -6.97 14.85
N LYS D 153 -3.12 -7.05 14.11
CA LYS D 153 -1.86 -7.44 14.71
C LYS D 153 -1.52 -6.59 15.92
N ASP D 154 -1.70 -5.28 15.80
CA ASP D 154 -1.24 -4.36 16.82
C ASP D 154 -1.99 -4.57 18.13
N ILE D 155 -3.25 -5.00 18.05
CA ILE D 155 -4.09 -5.18 19.23
C ILE D 155 -4.09 -6.62 19.70
N GLN D 156 -3.29 -7.46 19.04
CA GLN D 156 -3.15 -8.85 19.42
C GLN D 156 -2.39 -8.97 20.75
N PRO D 157 -2.73 -9.93 21.59
CA PRO D 157 -2.15 -10.00 22.95
C PRO D 157 -0.67 -10.36 22.90
N SER D 158 -0.01 -10.08 24.03
CA SER D 158 1.41 -10.40 24.18
C SER D 158 1.63 -11.75 24.84
N THR D 159 0.60 -12.39 25.39
CA THR D 159 0.84 -13.63 26.12
C THR D 159 0.12 -14.81 25.49
#